data_1L3Y
#
_entry.id   1L3Y
#
_entity_poly.entity_id   1
_entity_poly.type   'polypeptide(L)'
_entity_poly.pdbx_seq_one_letter_code
;ECDTINCERYNGQVCGGPGRGLCFCGKCRCHPGFEGSACQA
;
_entity_poly.pdbx_strand_id   A
#
# COMPACT_ATOMS: atom_id res chain seq x y z
N GLU A 1 12.93 5.66 0.54
CA GLU A 1 14.23 5.68 -0.18
C GLU A 1 14.11 6.41 -1.51
N CYS A 2 12.93 6.32 -2.12
CA CYS A 2 12.68 6.98 -3.39
C CYS A 2 12.06 8.36 -3.19
N ASP A 3 11.29 8.50 -2.13
CA ASP A 3 10.63 9.77 -1.83
C ASP A 3 10.50 9.98 -0.32
N THR A 4 10.05 11.17 0.06
CA THR A 4 9.84 11.48 1.47
C THR A 4 8.46 10.97 1.85
N ILE A 5 8.30 9.66 1.76
CA ILE A 5 7.08 9.01 2.04
C ILE A 5 7.41 7.58 2.41
N ASN A 6 6.47 6.89 3.00
CA ASN A 6 6.73 5.53 3.41
C ASN A 6 5.45 4.71 3.48
N CYS A 7 5.57 3.41 3.26
CA CYS A 7 4.45 2.48 3.26
C CYS A 7 3.32 2.90 4.18
N GLU A 8 2.10 2.83 3.63
CA GLU A 8 0.90 3.16 4.38
C GLU A 8 0.30 1.90 4.96
N ARG A 9 0.32 1.78 6.27
CA ARG A 9 -0.24 0.61 6.92
C ARG A 9 -1.74 0.76 7.12
N TYR A 10 -2.45 -0.30 6.78
CA TYR A 10 -3.90 -0.32 6.87
C TYR A 10 -4.39 -0.87 8.20
N ASN A 11 -3.59 -1.72 8.78
CA ASN A 11 -3.92 -2.34 10.06
C ASN A 11 -2.67 -2.77 10.82
N GLY A 12 -2.19 -3.99 10.52
CA GLY A 12 -1.00 -4.49 11.19
C GLY A 12 0.10 -4.87 10.21
N GLN A 13 -0.18 -4.75 8.92
CA GLN A 13 0.81 -5.08 7.90
C GLN A 13 1.34 -3.79 7.27
N VAL A 14 1.09 -3.61 5.98
CA VAL A 14 1.53 -2.42 5.27
C VAL A 14 0.87 -2.36 3.90
N CYS A 15 -0.01 -1.38 3.73
CA CYS A 15 -0.71 -1.21 2.46
C CYS A 15 -1.75 -2.30 2.21
N GLY A 16 -2.46 -2.69 3.25
CA GLY A 16 -3.45 -3.74 3.08
C GLY A 16 -2.81 -5.02 2.58
N GLY A 17 -1.63 -5.31 3.13
CA GLY A 17 -0.88 -6.50 2.76
C GLY A 17 -0.48 -6.49 1.29
N PRO A 18 0.73 -6.96 0.96
CA PRO A 18 1.23 -7.00 -0.43
C PRO A 18 0.32 -7.80 -1.34
N GLY A 19 -0.32 -8.83 -0.78
CA GLY A 19 -1.23 -9.65 -1.58
C GLY A 19 -2.24 -8.82 -2.33
N ARG A 20 -2.70 -7.75 -1.70
CA ARG A 20 -3.66 -6.85 -2.31
C ARG A 20 -2.98 -5.64 -2.92
N GLY A 21 -2.02 -5.07 -2.20
CA GLY A 21 -1.29 -3.91 -2.70
C GLY A 21 0.09 -3.77 -2.10
N LEU A 22 1.06 -3.45 -2.95
CA LEU A 22 2.43 -3.29 -2.53
C LEU A 22 2.82 -1.81 -2.39
N CYS A 23 3.56 -1.51 -1.34
CA CYS A 23 4.04 -0.15 -1.10
C CYS A 23 5.32 0.05 -1.89
N PHE A 24 5.56 1.27 -2.36
CA PHE A 24 6.77 1.51 -3.13
C PHE A 24 7.22 2.95 -3.06
N CYS A 25 8.23 3.21 -3.86
CA CYS A 25 8.83 4.51 -4.00
C CYS A 25 7.79 5.62 -3.83
N GLY A 26 7.63 6.08 -2.59
CA GLY A 26 6.66 7.12 -2.29
C GLY A 26 5.26 6.80 -2.77
N LYS A 27 4.95 5.51 -2.96
CA LYS A 27 3.63 5.11 -3.42
C LYS A 27 3.28 3.69 -3.02
N CYS A 28 2.22 3.16 -3.62
CA CYS A 28 1.75 1.81 -3.35
C CYS A 28 1.01 1.26 -4.56
N ARG A 29 1.68 0.37 -5.30
CA ARG A 29 1.10 -0.22 -6.50
C ARG A 29 0.23 -1.41 -6.16
N CYS A 30 -1.07 -1.16 -6.03
CA CYS A 30 -2.03 -2.21 -5.72
C CYS A 30 -2.68 -2.76 -6.98
N HIS A 31 -3.34 -3.90 -6.85
CA HIS A 31 -4.01 -4.53 -7.98
C HIS A 31 -5.42 -3.96 -8.18
N PRO A 32 -5.97 -4.11 -9.39
CA PRO A 32 -7.31 -3.61 -9.72
C PRO A 32 -8.39 -4.25 -8.87
N GLY A 33 -9.01 -3.44 -8.04
CA GLY A 33 -10.07 -3.90 -7.18
C GLY A 33 -9.71 -3.79 -5.72
N PHE A 34 -8.83 -2.86 -5.38
CA PHE A 34 -8.41 -2.66 -4.00
C PHE A 34 -8.41 -1.18 -3.64
N GLU A 35 -8.64 -0.88 -2.36
CA GLU A 35 -8.66 0.50 -1.91
C GLU A 35 -8.33 0.59 -0.42
N GLY A 36 -9.33 0.37 0.44
CA GLY A 36 -9.10 0.44 1.88
C GLY A 36 -8.35 1.70 2.28
N SER A 37 -7.66 1.64 3.42
CA SER A 37 -6.86 2.77 3.87
C SER A 37 -5.58 2.82 3.04
N ALA A 38 -5.37 1.73 2.30
CA ALA A 38 -4.22 1.57 1.43
C ALA A 38 -4.62 0.84 0.18
N CYS A 39 -4.72 -0.48 0.29
CA CYS A 39 -5.11 -1.32 -0.82
C CYS A 39 -5.71 -2.64 -0.32
N GLN A 40 -6.52 -2.57 0.73
CA GLN A 40 -7.12 -3.77 1.31
C GLN A 40 -8.56 -4.00 0.83
N ALA A 41 -9.28 -2.92 0.56
CA ALA A 41 -10.66 -3.03 0.13
C ALA A 41 -10.78 -2.95 -1.40
N GLU A 1 10.69 10.87 -7.19
CA GLU A 1 9.88 11.12 -5.97
C GLU A 1 9.99 9.95 -4.99
N CYS A 2 11.15 9.31 -4.97
CA CYS A 2 11.38 8.18 -4.08
C CYS A 2 12.25 8.61 -2.91
N ASP A 3 11.76 8.39 -1.69
CA ASP A 3 12.48 8.77 -0.48
C ASP A 3 11.73 8.31 0.77
N THR A 4 11.43 9.23 1.68
CA THR A 4 10.70 8.91 2.89
C THR A 4 9.20 8.94 2.61
N ILE A 5 8.66 7.77 2.29
CA ILE A 5 7.25 7.63 1.97
C ILE A 5 6.83 6.20 2.22
N ASN A 6 6.58 5.91 3.46
CA ASN A 6 6.21 4.59 3.88
C ASN A 6 4.72 4.34 3.70
N CYS A 7 4.39 3.16 3.20
CA CYS A 7 3.00 2.77 2.92
C CYS A 7 2.10 2.95 4.13
N GLU A 8 0.80 3.08 3.86
CA GLU A 8 -0.20 3.23 4.90
C GLU A 8 -0.58 1.86 5.43
N ARG A 9 -0.56 1.68 6.73
CA ARG A 9 -0.92 0.40 7.31
C ARG A 9 -2.41 0.28 7.48
N TYR A 10 -2.92 -0.85 7.01
CA TYR A 10 -4.34 -1.16 7.03
C TYR A 10 -4.78 -1.77 8.35
N ASN A 11 -4.22 -2.90 8.68
CA ASN A 11 -4.56 -3.60 9.92
C ASN A 11 -3.43 -4.52 10.38
N GLY A 12 -2.21 -4.00 10.44
CA GLY A 12 -1.09 -4.81 10.89
C GLY A 12 0.14 -4.66 10.01
N GLN A 13 -0.07 -4.71 8.69
CA GLN A 13 1.02 -4.56 7.75
C GLN A 13 0.95 -3.18 7.12
N VAL A 14 1.66 -2.97 6.03
CA VAL A 14 1.65 -1.68 5.37
C VAL A 14 0.99 -1.76 3.99
N CYS A 15 -0.17 -1.12 3.88
CA CYS A 15 -0.92 -1.07 2.62
C CYS A 15 -1.62 -2.38 2.32
N GLY A 16 -2.28 -2.95 3.31
CA GLY A 16 -2.98 -4.20 3.08
C GLY A 16 -2.04 -5.25 2.52
N GLY A 17 -0.78 -5.18 2.95
CA GLY A 17 0.23 -6.12 2.49
C GLY A 17 0.49 -6.01 1.00
N PRO A 18 1.74 -6.22 0.56
CA PRO A 18 2.10 -6.14 -0.86
C PRO A 18 1.25 -7.06 -1.72
N GLY A 19 0.74 -8.12 -1.11
CA GLY A 19 -0.10 -9.07 -1.83
C GLY A 19 -1.25 -8.37 -2.54
N ARG A 20 -1.65 -7.23 -2.00
CA ARG A 20 -2.74 -6.45 -2.57
C ARG A 20 -2.23 -5.12 -3.08
N GLY A 21 -1.50 -4.40 -2.22
CA GLY A 21 -0.96 -3.13 -2.61
C GLY A 21 0.45 -2.91 -2.09
N LEU A 22 1.29 -2.32 -2.91
CA LEU A 22 2.67 -2.09 -2.54
C LEU A 22 3.10 -0.66 -2.91
N CYS A 23 3.69 0.05 -1.96
CA CYS A 23 4.15 1.41 -2.19
C CYS A 23 5.65 1.44 -2.36
N PHE A 24 6.16 2.49 -3.02
CA PHE A 24 7.61 2.58 -3.22
C PHE A 24 8.10 4.00 -3.43
N CYS A 25 8.28 4.38 -4.68
CA CYS A 25 8.78 5.69 -5.03
C CYS A 25 7.73 6.78 -4.89
N GLY A 26 7.32 7.03 -3.64
CA GLY A 26 6.35 8.07 -3.39
C GLY A 26 4.90 7.61 -3.36
N LYS A 27 4.63 6.36 -3.72
CA LYS A 27 3.23 5.91 -3.72
C LYS A 27 3.03 4.41 -3.56
N CYS A 28 1.79 4.05 -3.22
CA CYS A 28 1.39 2.66 -3.04
C CYS A 28 0.58 2.20 -4.24
N ARG A 29 1.25 1.48 -5.13
CA ARG A 29 0.62 0.96 -6.33
C ARG A 29 -0.08 -0.36 -6.03
N CYS A 30 -1.38 -0.26 -5.77
CA CYS A 30 -2.17 -1.45 -5.46
C CYS A 30 -2.69 -2.10 -6.72
N HIS A 31 -2.90 -3.41 -6.64
CA HIS A 31 -3.41 -4.18 -7.77
C HIS A 31 -4.87 -3.84 -8.04
N PRO A 32 -5.32 -4.01 -9.29
CA PRO A 32 -6.69 -3.71 -9.69
C PRO A 32 -7.72 -4.51 -8.91
N GLY A 33 -8.53 -3.77 -8.16
CA GLY A 33 -9.57 -4.38 -7.37
C GLY A 33 -9.26 -4.38 -5.89
N PHE A 34 -8.79 -3.24 -5.38
CA PHE A 34 -8.46 -3.12 -3.97
C PHE A 34 -8.76 -1.71 -3.46
N GLU A 35 -9.00 -1.60 -2.15
CA GLU A 35 -9.29 -0.32 -1.53
C GLU A 35 -8.94 -0.31 -0.05
N GLY A 36 -9.85 -0.83 0.79
CA GLY A 36 -9.59 -0.86 2.22
C GLY A 36 -9.07 0.45 2.75
N SER A 37 -8.32 0.40 3.86
CA SER A 37 -7.73 1.60 4.42
C SER A 37 -6.48 1.93 3.62
N ALA A 38 -6.11 0.99 2.76
CA ALA A 38 -4.96 1.11 1.89
C ALA A 38 -5.25 0.43 0.56
N CYS A 39 -5.12 -0.89 0.56
CA CYS A 39 -5.40 -1.68 -0.63
C CYS A 39 -5.76 -3.11 -0.26
N GLN A 40 -6.54 -3.28 0.79
CA GLN A 40 -6.92 -4.63 1.24
C GLN A 40 -8.29 -5.05 0.73
N ALA A 41 -9.20 -4.09 0.57
CA ALA A 41 -10.56 -4.39 0.11
C ALA A 41 -10.71 -4.12 -1.38
N GLU A 1 8.44 10.58 -5.50
CA GLU A 1 9.50 9.86 -6.23
C GLU A 1 10.48 9.17 -5.27
N CYS A 2 10.01 8.11 -4.63
CA CYS A 2 10.82 7.35 -3.67
C CYS A 2 11.60 8.29 -2.75
N ASP A 3 12.61 7.75 -2.06
CA ASP A 3 13.42 8.54 -1.15
C ASP A 3 12.72 8.74 0.20
N THR A 4 12.47 9.99 0.54
CA THR A 4 11.80 10.33 1.79
C THR A 4 10.30 10.21 1.63
N ILE A 5 9.78 9.02 1.91
CA ILE A 5 8.38 8.72 1.81
C ILE A 5 8.13 7.56 2.74
N ASN A 6 6.91 7.14 2.84
CA ASN A 6 6.62 6.04 3.73
C ASN A 6 5.33 5.31 3.34
N CYS A 7 5.40 3.99 3.34
CA CYS A 7 4.27 3.15 2.98
C CYS A 7 3.08 3.39 3.91
N GLU A 8 1.89 3.40 3.34
CA GLU A 8 0.67 3.59 4.12
C GLU A 8 0.24 2.26 4.72
N ARG A 9 0.03 2.22 6.03
CA ARG A 9 -0.39 0.99 6.68
C ARG A 9 -1.86 1.02 7.05
N TYR A 10 -2.53 -0.07 6.70
CA TYR A 10 -3.95 -0.22 7.01
C TYR A 10 -4.10 -0.87 8.39
N ASN A 11 -5.16 -1.63 8.60
CA ASN A 11 -5.38 -2.26 9.89
C ASN A 11 -4.76 -3.66 9.98
N GLY A 12 -3.44 -3.73 10.17
CA GLY A 12 -2.78 -5.01 10.30
C GLY A 12 -1.45 -5.14 9.56
N GLN A 13 -1.28 -4.39 8.47
CA GLN A 13 -0.04 -4.47 7.70
C GLN A 13 0.20 -3.15 6.98
N VAL A 14 1.07 -3.19 5.98
CA VAL A 14 1.38 -2.01 5.19
C VAL A 14 0.73 -2.11 3.82
N CYS A 15 -0.31 -1.30 3.60
CA CYS A 15 -1.02 -1.28 2.33
C CYS A 15 -2.08 -2.36 2.25
N GLY A 16 -2.84 -2.54 3.32
CA GLY A 16 -3.85 -3.57 3.30
C GLY A 16 -3.24 -4.94 3.08
N GLY A 17 -2.01 -5.09 3.54
CA GLY A 17 -1.28 -6.35 3.41
C GLY A 17 -0.75 -6.57 2.00
N PRO A 18 0.51 -7.00 1.86
CA PRO A 18 1.12 -7.26 0.55
C PRO A 18 0.27 -8.16 -0.33
N GLY A 19 -0.42 -9.11 0.29
CA GLY A 19 -1.26 -10.04 -0.45
C GLY A 19 -2.24 -9.33 -1.37
N ARG A 20 -2.54 -8.07 -1.06
CA ARG A 20 -3.47 -7.30 -1.87
C ARG A 20 -2.76 -6.19 -2.64
N GLY A 21 -1.76 -5.59 -2.01
CA GLY A 21 -1.02 -4.53 -2.67
C GLY A 21 0.22 -4.10 -1.90
N LEU A 22 1.30 -3.84 -2.63
CA LEU A 22 2.56 -3.43 -2.04
C LEU A 22 2.68 -1.91 -1.96
N CYS A 23 3.83 -1.46 -1.45
CA CYS A 23 4.13 -0.04 -1.33
C CYS A 23 5.41 0.22 -2.11
N PHE A 24 5.52 1.36 -2.79
CA PHE A 24 6.74 1.59 -3.57
C PHE A 24 7.22 3.02 -3.59
N CYS A 25 8.32 3.19 -4.29
CA CYS A 25 8.99 4.45 -4.49
C CYS A 25 7.97 5.59 -4.66
N GLY A 26 7.78 6.36 -3.59
CA GLY A 26 6.84 7.46 -3.66
C GLY A 26 5.45 7.09 -3.15
N LYS A 27 4.95 5.93 -3.56
CA LYS A 27 3.61 5.52 -3.14
C LYS A 27 3.42 4.01 -3.17
N CYS A 28 2.20 3.59 -2.81
CA CYS A 28 1.84 2.18 -2.79
C CYS A 28 1.40 1.71 -4.18
N ARG A 29 1.43 0.40 -4.38
CA ARG A 29 1.04 -0.18 -5.66
C ARG A 29 0.24 -1.47 -5.45
N CYS A 30 -1.08 -1.35 -5.46
CA CYS A 30 -1.95 -2.51 -5.28
C CYS A 30 -2.49 -3.01 -6.61
N HIS A 31 -2.97 -4.25 -6.62
CA HIS A 31 -3.52 -4.85 -7.83
C HIS A 31 -4.77 -4.09 -8.27
N PRO A 32 -5.12 -4.20 -9.56
CA PRO A 32 -6.30 -3.51 -10.11
C PRO A 32 -7.59 -3.97 -9.47
N GLY A 33 -8.19 -3.06 -8.72
CA GLY A 33 -9.44 -3.34 -8.06
C GLY A 33 -9.29 -3.41 -6.55
N PHE A 34 -8.37 -2.63 -6.00
CA PHE A 34 -8.15 -2.63 -4.55
C PHE A 34 -8.27 -1.22 -3.99
N GLU A 35 -8.68 -1.14 -2.73
CA GLU A 35 -8.84 0.14 -2.05
C GLU A 35 -8.73 -0.04 -0.53
N GLY A 36 -9.36 0.83 0.25
CA GLY A 36 -9.29 0.71 1.70
C GLY A 36 -8.49 1.83 2.32
N SER A 37 -8.03 1.63 3.55
CA SER A 37 -7.19 2.63 4.20
C SER A 37 -5.93 2.78 3.38
N ALA A 38 -5.66 1.74 2.61
CA ALA A 38 -4.52 1.67 1.72
C ALA A 38 -4.94 0.99 0.44
N CYS A 39 -4.97 -0.34 0.47
CA CYS A 39 -5.37 -1.13 -0.67
C CYS A 39 -5.86 -2.51 -0.23
N GLN A 40 -6.58 -2.56 0.88
CA GLN A 40 -7.10 -3.82 1.42
C GLN A 40 -8.44 -4.20 0.78
N ALA A 41 -9.22 -3.20 0.41
CA ALA A 41 -10.53 -3.44 -0.19
C ALA A 41 -10.44 -3.69 -1.69
N GLU A 1 13.87 3.82 -3.17
CA GLU A 1 13.90 5.29 -2.95
C GLU A 1 13.03 6.01 -3.99
N CYS A 2 12.41 7.11 -3.57
CA CYS A 2 11.56 7.90 -4.45
C CYS A 2 11.03 9.14 -3.75
N ASP A 3 10.73 9.03 -2.46
CA ASP A 3 10.21 10.16 -1.69
C ASP A 3 10.55 10.03 -0.22
N THR A 4 10.45 11.14 0.51
CA THR A 4 10.67 11.14 1.94
C THR A 4 9.37 10.73 2.60
N ILE A 5 8.97 9.50 2.30
CA ILE A 5 7.75 8.93 2.77
C ILE A 5 7.95 7.44 2.75
N ASN A 6 7.04 6.70 3.34
CA ASN A 6 7.19 5.27 3.36
C ASN A 6 5.85 4.54 3.46
N CYS A 7 5.90 3.25 3.14
CA CYS A 7 4.74 2.36 3.15
C CYS A 7 3.56 2.89 3.95
N GLU A 8 2.36 2.75 3.38
CA GLU A 8 1.13 3.16 4.04
C GLU A 8 0.50 1.96 4.73
N ARG A 9 0.18 2.11 6.01
CA ARG A 9 -0.44 1.01 6.74
C ARG A 9 -1.92 1.22 6.91
N TYR A 10 -2.66 0.18 6.58
CA TYR A 10 -4.11 0.19 6.66
C TYR A 10 -4.60 -0.34 8.01
N ASN A 11 -3.85 -1.28 8.54
CA ASN A 11 -4.16 -1.90 9.83
C ASN A 11 -2.91 -2.47 10.48
N GLY A 12 -2.49 -3.65 10.02
CA GLY A 12 -1.32 -4.29 10.58
C GLY A 12 -0.59 -5.14 9.55
N GLN A 13 -0.72 -4.79 8.28
CA GLN A 13 -0.06 -5.53 7.21
C GLN A 13 0.56 -4.57 6.19
N VAL A 14 0.61 -3.29 6.56
CA VAL A 14 1.18 -2.25 5.71
C VAL A 14 0.71 -2.40 4.26
N CYS A 15 -0.19 -1.51 3.85
CA CYS A 15 -0.73 -1.49 2.49
C CYS A 15 -1.83 -2.52 2.27
N GLY A 16 -2.70 -2.69 3.25
CA GLY A 16 -3.78 -3.64 3.12
C GLY A 16 -3.34 -4.97 2.53
N GLY A 17 -2.31 -5.56 3.13
CA GLY A 17 -1.79 -6.84 2.66
C GLY A 17 -0.93 -6.71 1.43
N PRO A 18 0.10 -7.58 1.28
CA PRO A 18 1.01 -7.55 0.13
C PRO A 18 0.40 -8.20 -1.10
N GLY A 19 -0.39 -9.26 -0.89
CA GLY A 19 -1.01 -9.96 -2.01
C GLY A 19 -1.85 -9.04 -2.88
N ARG A 20 -2.26 -7.90 -2.33
CA ARG A 20 -3.08 -6.94 -3.06
C ARG A 20 -2.22 -5.80 -3.59
N GLY A 21 -1.16 -5.46 -2.86
CA GLY A 21 -0.27 -4.40 -3.26
C GLY A 21 0.91 -4.28 -2.32
N LEU A 22 2.01 -3.67 -2.79
CA LEU A 22 3.19 -3.53 -1.95
C LEU A 22 3.34 -2.10 -1.43
N CYS A 23 4.58 -1.68 -1.21
CA CYS A 23 4.85 -0.36 -0.68
C CYS A 23 6.25 0.13 -1.05
N PHE A 24 6.36 1.31 -1.67
CA PHE A 24 7.69 1.83 -2.00
C PHE A 24 7.71 3.34 -2.15
N CYS A 25 7.74 3.81 -3.40
CA CYS A 25 7.77 5.24 -3.68
C CYS A 25 6.58 5.93 -3.01
N GLY A 26 6.69 6.13 -1.70
CA GLY A 26 5.62 6.76 -0.95
C GLY A 26 4.25 6.19 -1.27
N LYS A 27 4.21 4.97 -1.81
CA LYS A 27 2.93 4.38 -2.16
C LYS A 27 2.93 2.86 -2.21
N CYS A 28 1.71 2.32 -2.28
CA CYS A 28 1.49 0.88 -2.37
C CYS A 28 1.09 0.52 -3.79
N ARG A 29 1.81 -0.40 -4.40
CA ARG A 29 1.50 -0.82 -5.76
C ARG A 29 0.42 -1.89 -5.72
N CYS A 30 -0.83 -1.46 -5.74
CA CYS A 30 -1.95 -2.37 -5.66
C CYS A 30 -2.46 -2.77 -7.03
N HIS A 31 -3.18 -3.88 -7.07
CA HIS A 31 -3.74 -4.41 -8.30
C HIS A 31 -5.16 -3.90 -8.51
N PRO A 32 -5.69 -4.02 -9.73
CA PRO A 32 -7.04 -3.56 -10.06
C PRO A 32 -8.10 -4.23 -9.23
N GLY A 33 -8.77 -3.43 -8.43
CA GLY A 33 -9.82 -3.92 -7.59
C GLY A 33 -9.51 -3.78 -6.10
N PHE A 34 -8.86 -2.68 -5.74
CA PHE A 34 -8.50 -2.43 -4.34
C PHE A 34 -8.50 -0.93 -4.04
N GLU A 35 -8.68 -0.58 -2.77
CA GLU A 35 -8.70 0.82 -2.35
C GLU A 35 -8.30 0.96 -0.89
N GLY A 36 -9.27 0.92 0.03
CA GLY A 36 -8.96 1.06 1.44
C GLY A 36 -8.05 2.23 1.72
N SER A 37 -7.43 2.24 2.90
CA SER A 37 -6.50 3.31 3.24
C SER A 37 -5.23 3.12 2.41
N ALA A 38 -5.11 1.91 1.88
CA ALA A 38 -4.00 1.52 1.03
C ALA A 38 -4.52 0.74 -0.15
N CYS A 39 -4.77 -0.54 0.09
CA CYS A 39 -5.29 -1.42 -0.95
C CYS A 39 -6.02 -2.61 -0.33
N GLN A 40 -6.80 -2.36 0.71
CA GLN A 40 -7.53 -3.43 1.39
C GLN A 40 -8.93 -3.60 0.84
N ALA A 41 -9.53 -2.51 0.38
CA ALA A 41 -10.88 -2.55 -0.16
C ALA A 41 -10.88 -2.58 -1.68
N GLU A 1 14.26 3.18 -3.31
CA GLU A 1 15.14 4.36 -3.12
C GLU A 1 14.70 5.53 -3.98
N CYS A 2 13.55 6.11 -3.66
CA CYS A 2 13.01 7.24 -4.41
C CYS A 2 13.03 8.51 -3.56
N ASP A 3 12.39 8.43 -2.39
CA ASP A 3 12.32 9.57 -1.47
C ASP A 3 11.51 9.21 -0.22
N THR A 4 10.83 10.21 0.36
CA THR A 4 10.01 9.98 1.53
C THR A 4 8.63 9.50 1.11
N ILE A 5 8.47 8.18 1.09
CA ILE A 5 7.22 7.55 0.70
C ILE A 5 7.14 6.19 1.34
N ASN A 6 7.02 6.20 2.64
CA ASN A 6 6.97 4.99 3.41
C ASN A 6 5.56 4.42 3.47
N CYS A 7 5.48 3.10 3.28
CA CYS A 7 4.20 2.38 3.26
C CYS A 7 3.23 2.86 4.32
N GLU A 8 1.95 2.82 3.98
CA GLU A 8 0.88 3.21 4.89
C GLU A 8 0.40 1.95 5.60
N ARG A 9 -0.57 2.07 6.50
CA ARG A 9 -1.06 0.89 7.20
C ARG A 9 -2.57 0.82 7.25
N TYR A 10 -3.06 -0.37 6.89
CA TYR A 10 -4.47 -0.68 6.90
C TYR A 10 -4.85 -1.29 8.24
N ASN A 11 -5.80 -2.21 8.24
CA ASN A 11 -6.23 -2.84 9.48
C ASN A 11 -5.43 -4.11 9.79
N GLY A 12 -4.14 -3.97 10.10
CA GLY A 12 -3.34 -5.15 10.43
C GLY A 12 -1.89 -5.07 9.98
N GLN A 13 -1.62 -4.40 8.87
CA GLN A 13 -0.26 -4.30 8.35
C GLN A 13 -0.07 -2.98 7.59
N VAL A 14 0.90 -2.96 6.70
CA VAL A 14 1.18 -1.77 5.91
C VAL A 14 0.67 -1.95 4.48
N CYS A 15 -0.32 -1.14 4.11
CA CYS A 15 -0.89 -1.20 2.77
C CYS A 15 -1.58 -2.52 2.53
N GLY A 16 -2.50 -2.88 3.41
CA GLY A 16 -3.20 -4.13 3.25
C GLY A 16 -2.26 -5.30 3.04
N GLY A 17 -1.07 -5.20 3.64
CA GLY A 17 -0.06 -6.25 3.53
C GLY A 17 0.45 -6.42 2.12
N PRO A 18 1.65 -7.01 1.95
CA PRO A 18 2.25 -7.22 0.62
C PRO A 18 1.45 -8.19 -0.24
N GLY A 19 0.51 -8.90 0.36
CA GLY A 19 -0.32 -9.84 -0.39
C GLY A 19 -1.49 -9.14 -1.05
N ARG A 20 -1.30 -7.87 -1.34
CA ARG A 20 -2.33 -7.04 -1.97
C ARG A 20 -1.66 -5.89 -2.72
N GLY A 21 -0.67 -5.28 -2.09
CA GLY A 21 0.05 -4.17 -2.69
C GLY A 21 1.14 -3.63 -1.79
N LEU A 22 1.89 -2.66 -2.29
CA LEU A 22 2.96 -2.06 -1.50
C LEU A 22 3.06 -0.56 -1.79
N CYS A 23 4.07 0.07 -1.20
CA CYS A 23 4.29 1.49 -1.40
C CYS A 23 5.40 1.69 -2.40
N PHE A 24 5.28 2.71 -3.25
CA PHE A 24 6.30 2.94 -4.26
C PHE A 24 6.86 4.34 -4.22
N CYS A 25 7.78 4.56 -5.15
CA CYS A 25 8.43 5.82 -5.34
C CYS A 25 7.39 6.92 -5.55
N GLY A 26 6.71 7.29 -4.47
CA GLY A 26 5.68 8.30 -4.53
C GLY A 26 4.49 7.98 -3.64
N LYS A 27 3.89 6.80 -3.85
CA LYS A 27 2.72 6.39 -3.07
C LYS A 27 2.57 4.87 -3.02
N CYS A 28 1.51 4.42 -2.36
CA CYS A 28 1.22 2.99 -2.27
C CYS A 28 0.46 2.52 -3.50
N ARG A 29 0.96 1.46 -4.13
CA ARG A 29 0.36 0.92 -5.33
C ARG A 29 -0.23 -0.46 -5.08
N CYS A 30 -1.55 -0.50 -4.97
CA CYS A 30 -2.27 -1.75 -4.76
C CYS A 30 -2.52 -2.43 -6.10
N HIS A 31 -2.70 -3.75 -6.07
CA HIS A 31 -2.94 -4.51 -7.29
C HIS A 31 -4.28 -4.11 -7.92
N PRO A 32 -4.44 -4.35 -9.24
CA PRO A 32 -5.67 -4.00 -9.97
C PRO A 32 -6.88 -4.74 -9.43
N GLY A 33 -7.81 -3.95 -8.92
CA GLY A 33 -9.03 -4.49 -8.38
C GLY A 33 -9.07 -4.46 -6.87
N PHE A 34 -8.38 -3.50 -6.28
CA PHE A 34 -8.34 -3.36 -4.82
C PHE A 34 -8.78 -1.96 -4.39
N GLU A 35 -8.97 -1.76 -3.09
CA GLU A 35 -9.39 -0.47 -2.56
C GLU A 35 -8.96 -0.30 -1.10
N GLY A 36 -9.90 -0.47 -0.17
CA GLY A 36 -9.58 -0.32 1.24
C GLY A 36 -9.15 1.08 1.60
N SER A 37 -8.41 1.21 2.69
CA SER A 37 -7.88 2.49 3.12
C SER A 37 -6.46 2.64 2.58
N ALA A 38 -5.91 1.48 2.21
CA ALA A 38 -4.58 1.40 1.66
C ALA A 38 -4.57 0.41 0.51
N CYS A 39 -4.65 -0.85 0.87
CA CYS A 39 -4.66 -1.92 -0.11
C CYS A 39 -5.31 -3.18 0.46
N GLN A 40 -6.10 -3.03 1.52
CA GLN A 40 -6.73 -4.16 2.19
C GLN A 40 -7.95 -4.71 1.44
N ALA A 41 -8.70 -3.83 0.77
CA ALA A 41 -9.89 -4.26 0.06
C ALA A 41 -9.55 -4.79 -1.32
N GLU A 1 13.24 3.25 -1.21
CA GLU A 1 14.32 4.19 -1.61
C GLU A 1 14.07 4.77 -3.00
N CYS A 2 13.42 5.93 -3.04
CA CYS A 2 13.12 6.59 -4.30
C CYS A 2 12.43 7.94 -4.09
N ASP A 3 11.64 8.03 -3.02
CA ASP A 3 10.92 9.26 -2.71
C ASP A 3 10.34 9.22 -1.30
N THR A 4 9.29 9.99 -1.07
CA THR A 4 8.62 10.01 0.21
C THR A 4 7.64 8.85 0.20
N ILE A 5 7.90 7.89 1.06
CA ILE A 5 7.08 6.69 1.11
C ILE A 5 7.02 6.14 2.51
N ASN A 6 6.26 6.82 3.32
CA ASN A 6 6.07 6.44 4.69
C ASN A 6 4.80 5.58 4.78
N CYS A 7 4.80 4.55 3.94
CA CYS A 7 3.72 3.57 3.79
C CYS A 7 2.60 3.71 4.82
N GLU A 8 1.37 3.63 4.32
CA GLU A 8 0.18 3.69 5.16
C GLU A 8 -0.19 2.28 5.59
N ARG A 9 -0.38 2.07 6.88
CA ARG A 9 -0.72 0.75 7.37
C ARG A 9 -2.22 0.55 7.47
N TYR A 10 -2.68 -0.58 6.98
CA TYR A 10 -4.09 -0.91 7.01
C TYR A 10 -4.48 -1.54 8.35
N ASN A 11 -5.24 -2.61 8.33
CA ASN A 11 -5.69 -3.25 9.56
C ASN A 11 -4.65 -4.21 10.17
N GLY A 12 -3.57 -3.65 10.71
CA GLY A 12 -2.56 -4.47 11.37
C GLY A 12 -1.28 -4.68 10.57
N GLN A 13 -1.31 -4.45 9.26
CA GLN A 13 -0.13 -4.66 8.43
C GLN A 13 0.36 -3.34 7.83
N VAL A 14 0.66 -3.33 6.53
CA VAL A 14 1.15 -2.14 5.86
C VAL A 14 0.69 -2.06 4.40
N CYS A 15 -0.14 -1.07 4.12
CA CYS A 15 -0.66 -0.86 2.76
C CYS A 15 -1.57 -1.98 2.30
N GLY A 16 -2.48 -2.42 3.17
CA GLY A 16 -3.38 -3.50 2.79
C GLY A 16 -2.61 -4.77 2.44
N GLY A 17 -1.34 -4.83 2.88
CA GLY A 17 -0.51 -5.99 2.64
C GLY A 17 -0.18 -6.19 1.17
N PRO A 18 1.04 -6.69 0.86
CA PRO A 18 1.46 -6.92 -0.53
C PRO A 18 0.48 -7.77 -1.31
N GLY A 19 -0.20 -8.69 -0.61
CA GLY A 19 -1.17 -9.55 -1.26
C GLY A 19 -2.13 -8.77 -2.13
N ARG A 20 -2.35 -7.50 -1.76
CA ARG A 20 -3.24 -6.63 -2.51
C ARG A 20 -2.47 -5.43 -3.05
N GLY A 21 -1.46 -4.99 -2.31
CA GLY A 21 -0.66 -3.85 -2.72
C GLY A 21 0.61 -3.70 -1.90
N LEU A 22 1.66 -3.16 -2.53
CA LEU A 22 2.93 -2.95 -1.86
C LEU A 22 3.42 -1.52 -2.02
N CYS A 23 4.41 -1.15 -1.22
CA CYS A 23 4.99 0.18 -1.26
C CYS A 23 6.06 0.25 -2.34
N PHE A 24 6.06 1.32 -3.14
CA PHE A 24 7.06 1.44 -4.19
C PHE A 24 7.73 2.78 -4.18
N CYS A 25 8.61 2.95 -5.15
CA CYS A 25 9.38 4.16 -5.33
C CYS A 25 8.51 5.41 -5.11
N GLY A 26 8.40 5.83 -3.85
CA GLY A 26 7.61 6.99 -3.52
C GLY A 26 6.11 6.77 -3.67
N LYS A 27 5.68 5.54 -3.94
CA LYS A 27 4.26 5.26 -4.09
C LYS A 27 3.89 3.81 -3.84
N CYS A 28 2.74 3.59 -3.20
CA CYS A 28 2.24 2.25 -2.93
C CYS A 28 1.36 1.80 -4.10
N ARG A 29 1.80 0.76 -4.80
CA ARG A 29 1.07 0.26 -5.95
C ARG A 29 0.25 -0.98 -5.61
N CYS A 30 -1.04 -0.76 -5.44
CA CYS A 30 -1.97 -1.85 -5.12
C CYS A 30 -2.63 -2.38 -6.39
N HIS A 31 -2.87 -3.68 -6.44
CA HIS A 31 -3.49 -4.32 -7.60
C HIS A 31 -4.81 -3.64 -7.94
N PRO A 32 -5.18 -3.63 -9.24
CA PRO A 32 -6.43 -3.02 -9.71
C PRO A 32 -7.67 -3.66 -9.12
N GLY A 33 -8.40 -2.87 -8.36
CA GLY A 33 -9.61 -3.35 -7.76
C GLY A 33 -9.50 -3.50 -6.26
N PHE A 34 -8.68 -2.66 -5.64
CA PHE A 34 -8.48 -2.71 -4.19
C PHE A 34 -8.49 -1.30 -3.59
N GLU A 35 -8.99 -1.20 -2.37
CA GLU A 35 -9.05 0.09 -1.68
C GLU A 35 -8.76 -0.07 -0.18
N GLY A 36 -9.50 0.66 0.64
CA GLY A 36 -9.28 0.60 2.08
C GLY A 36 -8.50 1.80 2.58
N SER A 37 -7.93 1.69 3.77
CA SER A 37 -7.12 2.76 4.31
C SER A 37 -5.84 2.83 3.50
N ALA A 38 -5.61 1.75 2.75
CA ALA A 38 -4.45 1.62 1.90
C ALA A 38 -4.82 0.82 0.66
N CYS A 39 -4.86 -0.50 0.83
CA CYS A 39 -5.21 -1.39 -0.25
C CYS A 39 -5.75 -2.71 0.28
N GLN A 40 -6.32 -2.68 1.48
CA GLN A 40 -6.86 -3.88 2.11
C GLN A 40 -8.10 -4.39 1.40
N ALA A 41 -8.87 -3.47 0.83
CA ALA A 41 -10.09 -3.85 0.13
C ALA A 41 -9.81 -4.25 -1.31
N GLU A 1 15.34 6.32 -7.83
CA GLU A 1 15.02 6.11 -6.39
C GLU A 1 13.85 6.98 -5.95
N CYS A 2 13.44 6.79 -4.70
CA CYS A 2 12.31 7.56 -4.15
C CYS A 2 12.63 8.03 -2.73
N ASP A 3 11.60 8.49 -2.00
CA ASP A 3 11.82 8.96 -0.63
C ASP A 3 10.55 9.40 0.10
N THR A 4 9.42 9.39 -0.57
CA THR A 4 8.16 9.74 0.07
C THR A 4 7.64 8.47 0.73
N ILE A 5 8.48 7.94 1.60
CA ILE A 5 8.22 6.71 2.31
C ILE A 5 7.38 6.98 3.53
N ASN A 6 6.10 6.87 3.33
CA ASN A 6 5.15 7.14 4.35
C ASN A 6 3.86 6.38 4.06
N CYS A 7 4.06 5.16 3.55
CA CYS A 7 2.98 4.24 3.16
C CYS A 7 1.77 4.34 4.08
N GLU A 8 0.61 4.11 3.50
CA GLU A 8 -0.65 4.12 4.25
C GLU A 8 -0.94 2.72 4.74
N ARG A 9 -1.06 2.54 6.03
CA ARG A 9 -1.32 1.23 6.59
C ARG A 9 -2.79 0.99 6.84
N TYR A 10 -3.26 -0.15 6.36
CA TYR A 10 -4.65 -0.55 6.52
C TYR A 10 -4.90 -1.22 7.85
N ASN A 11 -3.89 -1.93 8.31
CA ASN A 11 -3.95 -2.65 9.58
C ASN A 11 -2.56 -2.87 10.15
N GLY A 12 -1.84 -3.85 9.60
CA GLY A 12 -0.51 -4.15 10.08
C GLY A 12 0.42 -4.68 8.99
N GLN A 13 0.03 -4.48 7.74
CA GLN A 13 0.85 -4.93 6.61
C GLN A 13 1.27 -3.75 5.76
N VAL A 14 0.57 -2.64 5.90
CA VAL A 14 0.85 -1.44 5.14
C VAL A 14 0.47 -1.63 3.68
N CYS A 15 -0.77 -1.26 3.34
CA CYS A 15 -1.27 -1.35 1.97
C CYS A 15 -2.25 -2.52 1.80
N GLY A 16 -3.03 -2.80 2.83
CA GLY A 16 -3.99 -3.88 2.75
C GLY A 16 -3.35 -5.21 2.40
N GLY A 17 -2.20 -5.48 3.00
CA GLY A 17 -1.51 -6.74 2.76
C GLY A 17 -0.75 -6.76 1.45
N PRO A 18 0.38 -7.50 1.38
CA PRO A 18 1.19 -7.60 0.16
C PRO A 18 0.41 -8.24 -0.99
N GLY A 19 -0.30 -9.33 -0.69
CA GLY A 19 -1.08 -10.01 -1.71
C GLY A 19 -1.95 -9.07 -2.51
N ARG A 20 -2.41 -8.00 -1.85
CA ARG A 20 -3.26 -7.01 -2.50
C ARG A 20 -2.42 -5.84 -3.01
N GLY A 21 -1.32 -5.56 -2.32
CA GLY A 21 -0.46 -4.46 -2.72
C GLY A 21 0.74 -4.29 -1.80
N LEU A 22 1.80 -3.68 -2.33
CA LEU A 22 3.02 -3.45 -1.56
C LEU A 22 3.35 -1.95 -1.54
N CYS A 23 4.57 -1.63 -1.12
CA CYS A 23 5.01 -0.23 -1.05
C CYS A 23 6.48 -0.12 -1.39
N PHE A 24 6.87 0.98 -2.04
CA PHE A 24 8.28 1.16 -2.38
C PHE A 24 8.63 2.63 -2.57
N CYS A 25 8.71 3.10 -3.81
CA CYS A 25 9.03 4.49 -4.07
C CYS A 25 8.03 5.38 -3.35
N GLY A 26 8.26 5.56 -2.05
CA GLY A 26 7.38 6.36 -1.25
C GLY A 26 5.90 6.12 -1.55
N LYS A 27 5.55 4.92 -2.04
CA LYS A 27 4.15 4.65 -2.35
C LYS A 27 3.79 3.17 -2.34
N CYS A 28 2.60 2.89 -1.85
CA CYS A 28 2.07 1.53 -1.79
C CYS A 28 1.36 1.22 -3.11
N ARG A 29 1.97 0.32 -3.88
CA ARG A 29 1.46 -0.06 -5.18
C ARG A 29 0.64 -1.34 -5.13
N CYS A 30 -0.67 -1.19 -5.11
CA CYS A 30 -1.57 -2.33 -5.06
C CYS A 30 -2.05 -2.71 -6.46
N HIS A 31 -2.62 -3.91 -6.58
CA HIS A 31 -3.12 -4.38 -7.86
C HIS A 31 -4.41 -3.66 -8.23
N PRO A 32 -4.77 -3.66 -9.52
CA PRO A 32 -5.97 -2.99 -10.01
C PRO A 32 -7.23 -3.58 -9.42
N GLY A 33 -7.89 -2.78 -8.61
CA GLY A 33 -9.12 -3.19 -7.98
C GLY A 33 -9.03 -3.23 -6.47
N PHE A 34 -8.08 -2.49 -5.91
CA PHE A 34 -7.90 -2.45 -4.47
C PHE A 34 -7.94 -1.02 -3.94
N GLU A 35 -8.42 -0.85 -2.71
CA GLU A 35 -8.52 0.48 -2.12
C GLU A 35 -8.51 0.43 -0.59
N GLY A 36 -9.69 0.46 0.03
CA GLY A 36 -9.75 0.43 1.48
C GLY A 36 -9.18 1.69 2.10
N SER A 37 -8.52 1.54 3.24
CA SER A 37 -7.89 2.67 3.91
C SER A 37 -6.46 2.76 3.40
N ALA A 38 -6.12 1.80 2.54
CA ALA A 38 -4.81 1.70 1.94
C ALA A 38 -4.95 1.07 0.56
N CYS A 39 -5.07 -0.25 0.54
CA CYS A 39 -5.24 -0.96 -0.70
C CYS A 39 -5.90 -2.33 -0.48
N GLN A 40 -6.88 -2.39 0.42
CA GLN A 40 -7.56 -3.65 0.73
C GLN A 40 -8.96 -3.72 0.14
N ALA A 41 -9.63 -2.58 0.08
CA ALA A 41 -11.01 -2.52 -0.42
C ALA A 41 -11.06 -2.05 -1.88
N GLU A 1 14.54 3.56 -3.92
CA GLU A 1 14.53 4.84 -3.18
C GLU A 1 13.78 5.93 -3.94
N CYS A 2 13.04 6.75 -3.21
CA CYS A 2 12.27 7.83 -3.82
C CYS A 2 12.23 9.05 -2.91
N ASP A 3 11.63 8.88 -1.73
CA ASP A 3 11.52 9.98 -0.77
C ASP A 3 11.10 9.45 0.61
N THR A 4 10.58 10.34 1.45
CA THR A 4 10.12 9.95 2.78
C THR A 4 8.68 9.45 2.69
N ILE A 5 8.54 8.17 2.40
CA ILE A 5 7.23 7.54 2.28
C ILE A 5 7.38 6.06 2.53
N ASN A 6 7.45 5.72 3.79
CA ASN A 6 7.64 4.35 4.19
C ASN A 6 6.33 3.58 4.26
N CYS A 7 5.81 3.29 3.07
CA CYS A 7 4.59 2.54 2.88
C CYS A 7 3.43 3.02 3.77
N GLU A 8 2.22 2.86 3.25
CA GLU A 8 1.01 3.25 3.97
C GLU A 8 0.44 2.05 4.70
N ARG A 9 0.12 2.19 5.98
CA ARG A 9 -0.43 1.07 6.73
C ARG A 9 -1.94 1.18 6.85
N TYR A 10 -2.59 0.07 6.54
CA TYR A 10 -4.04 -0.03 6.57
C TYR A 10 -4.54 -0.50 7.92
N ASN A 11 -3.73 -1.30 8.57
CA ASN A 11 -4.06 -1.85 9.88
C ASN A 11 -2.80 -2.22 10.65
N GLY A 12 -2.29 -3.42 10.41
CA GLY A 12 -1.09 -3.87 11.08
C GLY A 12 0.09 -3.98 10.13
N GLN A 13 -0.20 -3.99 8.84
CA GLN A 13 0.83 -4.08 7.82
C GLN A 13 0.92 -2.77 7.08
N VAL A 14 1.49 -2.79 5.88
CA VAL A 14 1.61 -1.58 5.10
C VAL A 14 0.98 -1.75 3.72
N CYS A 15 -0.20 -1.16 3.56
CA CYS A 15 -0.95 -1.21 2.30
C CYS A 15 -1.80 -2.46 2.21
N GLY A 16 -2.54 -2.73 3.26
CA GLY A 16 -3.38 -3.92 3.26
C GLY A 16 -2.57 -5.17 2.92
N GLY A 17 -1.30 -5.15 3.30
CA GLY A 17 -0.41 -6.27 3.05
C GLY A 17 0.01 -6.37 1.60
N PRO A 18 1.26 -6.78 1.32
CA PRO A 18 1.77 -6.90 -0.05
C PRO A 18 0.92 -7.84 -0.90
N GLY A 19 0.39 -8.89 -0.27
CA GLY A 19 -0.45 -9.84 -1.00
C GLY A 19 -1.51 -9.13 -1.82
N ARG A 20 -1.92 -7.96 -1.35
CA ARG A 20 -2.92 -7.16 -2.03
C ARG A 20 -2.24 -6.02 -2.79
N GLY A 21 -1.18 -5.49 -2.21
CA GLY A 21 -0.44 -4.41 -2.83
C GLY A 21 0.69 -3.89 -1.97
N LEU A 22 1.72 -3.36 -2.60
CA LEU A 22 2.87 -2.81 -1.88
C LEU A 22 2.95 -1.31 -2.07
N CYS A 23 3.91 -0.69 -1.37
CA CYS A 23 4.10 0.75 -1.48
C CYS A 23 5.23 1.07 -2.44
N PHE A 24 5.22 2.27 -3.02
CA PHE A 24 6.25 2.64 -3.95
C PHE A 24 6.70 4.07 -3.77
N CYS A 25 7.56 4.47 -4.68
CA CYS A 25 8.12 5.80 -4.73
C CYS A 25 7.02 6.86 -4.57
N GLY A 26 6.58 7.05 -3.33
CA GLY A 26 5.53 8.02 -3.05
C GLY A 26 4.14 7.52 -3.36
N LYS A 27 3.96 6.20 -3.45
CA LYS A 27 2.65 5.63 -3.75
C LYS A 27 2.51 4.19 -3.23
N CYS A 28 1.49 3.50 -3.73
CA CYS A 28 1.22 2.12 -3.34
C CYS A 28 0.66 1.35 -4.54
N ARG A 29 1.40 0.36 -5.01
CA ARG A 29 0.98 -0.43 -6.15
C ARG A 29 0.05 -1.56 -5.73
N CYS A 30 -1.24 -1.24 -5.67
CA CYS A 30 -2.25 -2.22 -5.28
C CYS A 30 -2.68 -3.07 -6.48
N HIS A 31 -3.17 -4.26 -6.19
CA HIS A 31 -3.65 -5.16 -7.24
C HIS A 31 -5.05 -4.73 -7.69
N PRO A 32 -5.42 -5.05 -8.94
CA PRO A 32 -6.73 -4.68 -9.49
C PRO A 32 -7.88 -5.29 -8.72
N GLY A 33 -8.63 -4.42 -8.07
CA GLY A 33 -9.78 -4.85 -7.32
C GLY A 33 -9.67 -4.59 -5.83
N PHE A 34 -8.91 -3.55 -5.46
CA PHE A 34 -8.72 -3.21 -4.06
C PHE A 34 -8.96 -1.73 -3.81
N GLU A 35 -9.15 -1.35 -2.55
CA GLU A 35 -9.40 0.04 -2.20
C GLU A 35 -8.93 0.34 -0.78
N GLY A 36 -9.83 0.19 0.21
CA GLY A 36 -9.47 0.46 1.59
C GLY A 36 -8.76 1.77 1.74
N SER A 37 -7.91 1.88 2.76
CA SER A 37 -7.13 3.07 2.98
C SER A 37 -5.79 2.90 2.27
N ALA A 38 -5.66 1.75 1.63
CA ALA A 38 -4.47 1.39 0.90
C ALA A 38 -4.80 0.38 -0.19
N CYS A 39 -4.95 -0.88 0.21
CA CYS A 39 -5.27 -1.93 -0.72
C CYS A 39 -5.95 -3.12 -0.02
N GLN A 40 -6.78 -2.85 0.98
CA GLN A 40 -7.44 -3.91 1.71
C GLN A 40 -8.82 -4.28 1.14
N ALA A 41 -9.53 -3.28 0.62
CA ALA A 41 -10.86 -3.50 0.06
C ALA A 41 -10.79 -3.79 -1.43
N GLU A 1 11.44 10.37 -8.48
CA GLU A 1 10.02 10.00 -8.23
C GLU A 1 9.82 9.45 -6.82
N CYS A 2 10.91 9.00 -6.20
CA CYS A 2 10.84 8.46 -4.85
C CYS A 2 11.26 9.52 -3.83
N ASP A 3 10.82 9.36 -2.59
CA ASP A 3 11.13 10.31 -1.52
C ASP A 3 10.51 9.84 -0.21
N THR A 4 9.94 10.76 0.56
CA THR A 4 9.29 10.40 1.80
C THR A 4 7.89 9.94 1.45
N ILE A 5 7.78 8.64 1.21
CA ILE A 5 6.53 8.02 0.80
C ILE A 5 6.55 6.55 1.19
N ASN A 6 6.42 6.33 2.47
CA ASN A 6 6.47 4.99 3.01
C ASN A 6 5.12 4.29 2.93
N CYS A 7 5.08 3.06 3.41
CA CYS A 7 3.85 2.26 3.37
C CYS A 7 2.86 2.63 4.45
N GLU A 8 1.58 2.64 4.09
CA GLU A 8 0.51 2.92 5.03
C GLU A 8 0.00 1.60 5.55
N ARG A 9 -0.01 1.43 6.86
CA ARG A 9 -0.45 0.17 7.44
C ARG A 9 -1.95 0.09 7.60
N TYR A 10 -2.48 -1.03 7.15
CA TYR A 10 -3.91 -1.31 7.23
C TYR A 10 -4.27 -1.89 8.60
N ASN A 11 -4.91 -3.04 8.63
CA ASN A 11 -5.33 -3.65 9.89
C ASN A 11 -4.22 -4.47 10.56
N GLY A 12 -3.03 -3.87 10.72
CA GLY A 12 -1.95 -4.58 11.41
C GLY A 12 -0.67 -4.77 10.59
N GLN A 13 -0.79 -4.85 9.28
CA GLN A 13 0.40 -5.07 8.44
C GLN A 13 0.87 -3.77 7.79
N VAL A 14 1.02 -3.75 6.46
CA VAL A 14 1.47 -2.57 5.75
C VAL A 14 0.90 -2.50 4.34
N CYS A 15 0.00 -1.54 4.13
CA CYS A 15 -0.62 -1.34 2.82
C CYS A 15 -1.50 -2.52 2.42
N GLY A 16 -2.30 -3.01 3.36
CA GLY A 16 -3.15 -4.15 3.08
C GLY A 16 -2.33 -5.37 2.68
N GLY A 17 -1.06 -5.37 3.10
CA GLY A 17 -0.17 -6.47 2.80
C GLY A 17 0.21 -6.55 1.33
N PRO A 18 1.44 -6.95 1.01
CA PRO A 18 1.92 -7.06 -0.38
C PRO A 18 0.96 -7.86 -1.25
N GLY A 19 0.27 -8.81 -0.64
CA GLY A 19 -0.68 -9.63 -1.38
C GLY A 19 -1.73 -8.80 -2.09
N ARG A 20 -2.02 -7.62 -1.55
CA ARG A 20 -3.01 -6.73 -2.13
C ARG A 20 -2.35 -5.51 -2.78
N GLY A 21 -1.20 -5.12 -2.26
CA GLY A 21 -0.49 -3.98 -2.80
C GLY A 21 0.81 -3.69 -2.07
N LEU A 22 1.71 -2.98 -2.75
CA LEU A 22 3.00 -2.64 -2.17
C LEU A 22 3.25 -1.14 -2.19
N CYS A 23 3.87 -0.64 -1.13
CA CYS A 23 4.22 0.77 -1.05
C CYS A 23 5.54 0.97 -1.77
N PHE A 24 5.62 1.91 -2.71
CA PHE A 24 6.86 2.07 -3.43
C PHE A 24 7.23 3.49 -3.73
N CYS A 25 8.41 3.58 -4.31
CA CYS A 25 9.01 4.81 -4.76
C CYS A 25 7.95 5.79 -5.28
N GLY A 26 7.34 6.52 -4.35
CA GLY A 26 6.30 7.46 -4.70
C GLY A 26 4.98 7.15 -4.02
N LYS A 27 4.46 5.94 -4.24
CA LYS A 27 3.18 5.54 -3.64
C LYS A 27 3.05 4.03 -3.51
N CYS A 28 1.89 3.61 -3.01
CA CYS A 28 1.58 2.19 -2.85
C CYS A 28 0.92 1.65 -4.11
N ARG A 29 1.67 0.85 -4.85
CA ARG A 29 1.19 0.25 -6.10
C ARG A 29 0.42 -1.02 -5.82
N CYS A 30 -0.89 -0.89 -5.59
CA CYS A 30 -1.74 -2.05 -5.33
C CYS A 30 -2.41 -2.54 -6.59
N HIS A 31 -2.79 -3.80 -6.60
CA HIS A 31 -3.46 -4.40 -7.75
C HIS A 31 -4.79 -3.71 -8.03
N PRO A 32 -5.25 -3.73 -9.29
CA PRO A 32 -6.51 -3.10 -9.69
C PRO A 32 -7.70 -3.70 -8.98
N GLY A 33 -8.30 -2.89 -8.13
CA GLY A 33 -9.47 -3.30 -7.40
C GLY A 33 -9.23 -3.36 -5.89
N PHE A 34 -8.25 -2.59 -5.42
CA PHE A 34 -7.92 -2.56 -4.00
C PHE A 34 -7.96 -1.13 -3.47
N GLU A 35 -8.32 -0.99 -2.20
CA GLU A 35 -8.39 0.31 -1.56
C GLU A 35 -8.22 0.20 -0.04
N GLY A 36 -9.32 0.02 0.68
CA GLY A 36 -9.25 -0.09 2.13
C GLY A 36 -8.69 1.16 2.76
N SER A 37 -7.98 1.01 3.87
CA SER A 37 -7.35 2.13 4.53
C SER A 37 -5.98 2.36 3.91
N ALA A 38 -5.65 1.44 3.02
CA ALA A 38 -4.40 1.45 2.29
C ALA A 38 -4.63 0.94 0.88
N CYS A 39 -4.65 -0.39 0.75
CA CYS A 39 -4.90 -1.01 -0.53
C CYS A 39 -5.41 -2.45 -0.35
N GLN A 40 -6.32 -2.65 0.60
CA GLN A 40 -6.84 -3.98 0.87
C GLN A 40 -8.29 -4.16 0.42
N ALA A 41 -9.08 -3.10 0.49
CA ALA A 41 -10.49 -3.17 0.11
C ALA A 41 -10.70 -2.77 -1.35
N GLU A 1 13.53 11.98 -6.31
CA GLU A 1 13.90 11.64 -4.91
C GLU A 1 12.64 11.35 -4.07
N CYS A 2 12.26 10.08 -4.01
CA CYS A 2 11.08 9.68 -3.25
C CYS A 2 11.36 9.75 -1.76
N ASP A 3 12.21 8.87 -1.26
CA ASP A 3 12.59 8.85 0.16
C ASP A 3 11.55 8.11 1.01
N THR A 4 11.28 8.62 2.21
CA THR A 4 10.33 8.03 3.12
C THR A 4 8.93 8.50 2.78
N ILE A 5 8.10 7.56 2.41
CA ILE A 5 6.72 7.82 2.03
C ILE A 5 5.91 6.57 2.25
N ASN A 6 5.64 6.29 3.50
CA ASN A 6 4.91 5.12 3.89
C ASN A 6 3.40 5.37 3.84
N CYS A 7 2.67 4.36 3.38
CA CYS A 7 1.22 4.45 3.23
C CYS A 7 0.48 3.79 4.39
N GLU A 8 -0.85 3.80 4.30
CA GLU A 8 -1.70 3.20 5.31
C GLU A 8 -1.54 1.68 5.30
N ARG A 9 -1.62 1.07 6.47
CA ARG A 9 -1.49 -0.38 6.57
C ARG A 9 -2.82 -1.04 6.82
N TYR A 10 -2.86 -2.33 6.52
CA TYR A 10 -4.07 -3.12 6.72
C TYR A 10 -3.80 -4.37 7.54
N ASN A 11 -2.54 -4.72 7.64
CA ASN A 11 -2.09 -5.88 8.41
C ASN A 11 -0.65 -5.68 8.83
N GLY A 12 -0.39 -4.63 9.62
CA GLY A 12 0.96 -4.34 10.04
C GLY A 12 1.85 -4.14 8.83
N GLN A 13 1.23 -3.72 7.73
CA GLN A 13 1.92 -3.49 6.47
C GLN A 13 1.17 -2.48 5.63
N VAL A 14 1.85 -1.42 5.15
CA VAL A 14 1.17 -0.45 4.30
C VAL A 14 0.47 -1.22 3.19
N CYS A 15 -0.84 -1.12 3.11
CA CYS A 15 -1.57 -1.88 2.12
C CYS A 15 -1.38 -3.36 2.46
N GLY A 16 -1.63 -3.68 3.73
CA GLY A 16 -1.48 -5.03 4.28
C GLY A 16 -0.62 -5.96 3.43
N GLY A 17 0.55 -5.50 3.02
CA GLY A 17 1.44 -6.32 2.21
C GLY A 17 1.31 -6.06 0.72
N PRO A 18 2.40 -6.21 -0.04
CA PRO A 18 2.40 -5.96 -1.49
C PRO A 18 1.45 -6.90 -2.24
N GLY A 19 1.02 -7.97 -1.59
CA GLY A 19 0.11 -8.92 -2.23
C GLY A 19 -1.04 -8.21 -2.93
N ARG A 20 -1.63 -7.26 -2.24
CA ARG A 20 -2.74 -6.48 -2.78
C ARG A 20 -2.25 -5.11 -3.22
N GLY A 21 -1.44 -4.49 -2.37
CA GLY A 21 -0.88 -3.18 -2.66
C GLY A 21 0.38 -2.93 -1.87
N LEU A 22 1.34 -2.22 -2.48
CA LEU A 22 2.60 -1.94 -1.80
C LEU A 22 2.99 -0.47 -1.92
N CYS A 23 3.44 0.11 -0.80
CA CYS A 23 3.84 1.51 -0.77
C CYS A 23 5.35 1.65 -0.90
N PHE A 24 5.77 2.51 -1.83
CA PHE A 24 7.20 2.73 -2.04
C PHE A 24 7.43 4.08 -2.69
N CYS A 25 8.59 4.23 -3.36
CA CYS A 25 8.94 5.48 -4.04
C CYS A 25 7.68 6.25 -4.42
N GLY A 26 7.30 7.17 -3.55
CA GLY A 26 6.10 7.95 -3.78
C GLY A 26 4.92 7.48 -2.95
N LYS A 27 4.31 6.36 -3.35
CA LYS A 27 3.16 5.84 -2.61
C LYS A 27 2.97 4.33 -2.77
N CYS A 28 1.74 3.87 -2.47
CA CYS A 28 1.38 2.47 -2.57
C CYS A 28 0.80 2.13 -3.92
N ARG A 29 1.53 1.33 -4.68
CA ARG A 29 1.10 0.88 -5.98
C ARG A 29 0.22 -0.35 -5.80
N CYS A 30 -1.08 -0.12 -5.73
CA CYS A 30 -2.04 -1.19 -5.52
C CYS A 30 -2.57 -1.72 -6.85
N HIS A 31 -3.05 -2.96 -6.83
CA HIS A 31 -3.58 -3.59 -8.02
C HIS A 31 -5.03 -3.18 -8.25
N PRO A 32 -5.51 -3.28 -9.51
CA PRO A 32 -6.88 -2.91 -9.87
C PRO A 32 -7.93 -3.67 -9.09
N GLY A 33 -8.77 -2.90 -8.42
CA GLY A 33 -9.83 -3.46 -7.63
C GLY A 33 -9.45 -3.65 -6.17
N PHE A 34 -8.88 -2.61 -5.57
CA PHE A 34 -8.46 -2.70 -4.17
C PHE A 34 -8.77 -1.41 -3.42
N GLU A 35 -9.02 -1.54 -2.12
CA GLU A 35 -9.33 -0.39 -1.27
C GLU A 35 -8.98 -0.67 0.20
N GLY A 36 -9.94 -1.20 0.97
CA GLY A 36 -9.67 -1.48 2.37
C GLY A 36 -9.27 -0.23 3.14
N SER A 37 -8.39 -0.40 4.12
CA SER A 37 -7.89 0.73 4.88
C SER A 37 -6.63 1.24 4.19
N ALA A 38 -6.29 0.51 3.12
CA ALA A 38 -5.14 0.78 2.30
C ALA A 38 -5.45 0.42 0.87
N CYS A 39 -5.31 -0.86 0.55
CA CYS A 39 -5.62 -1.35 -0.77
C CYS A 39 -5.94 -2.85 -0.77
N GLN A 40 -6.75 -3.28 0.20
CA GLN A 40 -7.09 -4.71 0.30
C GLN A 40 -8.44 -5.05 -0.34
N ALA A 41 -9.40 -4.14 -0.23
CA ALA A 41 -10.73 -4.39 -0.77
C ALA A 41 -10.82 -4.03 -2.25
N GLU A 1 14.19 5.06 -3.30
CA GLU A 1 14.02 6.36 -2.59
C GLU A 1 12.75 7.07 -3.04
N CYS A 2 12.77 7.59 -4.26
CA CYS A 2 11.62 8.29 -4.83
C CYS A 2 11.36 9.61 -4.09
N ASP A 3 11.01 9.52 -2.81
CA ASP A 3 10.74 10.71 -2.00
C ASP A 3 10.19 10.34 -0.62
N THR A 4 9.56 11.30 0.05
CA THR A 4 8.98 11.06 1.36
C THR A 4 7.58 10.48 1.20
N ILE A 5 7.53 9.16 1.17
CA ILE A 5 6.29 8.42 1.00
C ILE A 5 6.44 7.04 1.59
N ASN A 6 6.32 6.97 2.89
CA ASN A 6 6.49 5.72 3.59
C ASN A 6 5.21 4.88 3.58
N CYS A 7 5.40 3.57 3.65
CA CYS A 7 4.31 2.61 3.61
C CYS A 7 3.19 2.93 4.59
N GLU A 8 1.96 2.81 4.10
CA GLU A 8 0.78 3.03 4.92
C GLU A 8 0.27 1.69 5.43
N ARG A 9 -0.32 1.67 6.62
CA ARG A 9 -0.84 0.41 7.15
C ARG A 9 -2.37 0.41 7.18
N TYR A 10 -2.89 -0.79 7.14
CA TYR A 10 -4.33 -1.01 7.15
C TYR A 10 -4.78 -1.69 8.44
N ASN A 11 -3.86 -2.44 9.02
CA ASN A 11 -4.12 -3.17 10.26
C ASN A 11 -2.81 -3.46 11.00
N GLY A 12 -1.78 -3.79 10.24
CA GLY A 12 -0.48 -4.09 10.84
C GLY A 12 0.47 -4.83 9.90
N GLN A 13 0.04 -5.09 8.66
CA GLN A 13 0.87 -5.77 7.68
C GLN A 13 1.49 -4.76 6.70
N VAL A 14 0.90 -3.57 6.68
CA VAL A 14 1.35 -2.49 5.82
C VAL A 14 0.74 -2.60 4.43
N CYS A 15 -0.31 -1.82 4.22
CA CYS A 15 -1.02 -1.77 2.96
C CYS A 15 -1.79 -3.04 2.67
N GLY A 16 -2.52 -3.51 3.68
CA GLY A 16 -3.31 -4.70 3.51
C GLY A 16 -2.57 -5.83 2.83
N GLY A 17 -1.49 -6.28 3.45
CA GLY A 17 -0.71 -7.37 2.91
C GLY A 17 -0.23 -7.11 1.49
N PRO A 18 0.70 -7.93 0.97
CA PRO A 18 1.23 -7.78 -0.38
C PRO A 18 0.30 -8.36 -1.44
N GLY A 19 -0.48 -9.36 -1.06
CA GLY A 19 -1.40 -9.99 -1.99
C GLY A 19 -2.24 -8.98 -2.76
N ARG A 20 -2.44 -7.80 -2.18
CA ARG A 20 -3.23 -6.76 -2.82
C ARG A 20 -2.34 -5.65 -3.37
N GLY A 21 -1.46 -5.11 -2.53
CA GLY A 21 -0.58 -4.04 -2.99
C GLY A 21 0.59 -3.78 -2.06
N LEU A 22 1.73 -3.43 -2.65
CA LEU A 22 2.94 -3.14 -1.92
C LEU A 22 3.11 -1.66 -1.68
N CYS A 23 4.23 -1.27 -1.04
CA CYS A 23 4.51 0.12 -0.73
C CYS A 23 5.88 0.58 -1.25
N PHE A 24 5.90 1.54 -2.18
CA PHE A 24 7.21 2.04 -2.65
C PHE A 24 7.10 3.43 -3.25
N CYS A 25 8.15 3.78 -4.01
CA CYS A 25 8.25 5.06 -4.69
C CYS A 25 6.88 5.66 -4.94
N GLY A 26 6.67 6.86 -4.43
CA GLY A 26 5.40 7.51 -4.58
C GLY A 26 4.39 6.98 -3.58
N LYS A 27 3.92 5.75 -3.80
CA LYS A 27 2.95 5.16 -2.89
C LYS A 27 2.98 3.63 -2.94
N CYS A 28 1.85 3.04 -2.53
CA CYS A 28 1.68 1.60 -2.53
C CYS A 28 1.19 1.14 -3.89
N ARG A 29 1.91 0.22 -4.50
CA ARG A 29 1.54 -0.30 -5.81
C ARG A 29 0.52 -1.42 -5.66
N CYS A 30 -0.75 -1.05 -5.55
CA CYS A 30 -1.82 -2.03 -5.39
C CYS A 30 -2.47 -2.34 -6.73
N HIS A 31 -2.82 -3.60 -6.92
CA HIS A 31 -3.46 -4.06 -8.14
C HIS A 31 -4.80 -3.36 -8.34
N PRO A 32 -5.31 -3.31 -9.58
CA PRO A 32 -6.58 -2.67 -9.88
C PRO A 32 -7.75 -3.27 -9.13
N GLY A 33 -8.32 -2.46 -8.26
CA GLY A 33 -9.45 -2.89 -7.48
C GLY A 33 -9.14 -3.00 -6.00
N PHE A 34 -8.29 -2.10 -5.51
CA PHE A 34 -7.91 -2.10 -4.10
C PHE A 34 -7.93 -0.69 -3.53
N GLU A 35 -8.27 -0.58 -2.24
CA GLU A 35 -8.32 0.72 -1.58
C GLU A 35 -8.12 0.56 -0.07
N GLY A 36 -9.19 0.25 0.66
CA GLY A 36 -9.08 0.08 2.10
C GLY A 36 -8.41 1.27 2.76
N SER A 37 -7.80 1.06 3.93
CA SER A 37 -7.10 2.13 4.62
C SER A 37 -5.77 2.35 3.90
N ALA A 38 -5.44 1.41 3.03
CA ALA A 38 -4.23 1.43 2.24
C ALA A 38 -4.55 0.99 0.83
N CYS A 39 -4.60 -0.33 0.66
CA CYS A 39 -4.93 -0.92 -0.62
C CYS A 39 -5.47 -2.34 -0.43
N GLN A 40 -6.36 -2.51 0.54
CA GLN A 40 -6.92 -3.83 0.85
C GLN A 40 -8.31 -4.03 0.25
N ALA A 41 -9.09 -2.95 0.19
CA ALA A 41 -10.45 -3.03 -0.33
C ALA A 41 -10.51 -2.69 -1.82
N GLU A 1 8.29 10.99 -4.13
CA GLU A 1 8.90 9.79 -4.75
C GLU A 1 9.40 8.81 -3.69
N CYS A 2 10.33 7.94 -4.09
CA CYS A 2 10.90 6.93 -3.17
C CYS A 2 11.29 7.55 -1.85
N ASP A 3 11.56 8.83 -1.91
CA ASP A 3 11.96 9.64 -0.76
C ASP A 3 11.02 9.39 0.45
N THR A 4 10.41 10.46 0.96
CA THR A 4 9.50 10.35 2.10
C THR A 4 8.11 9.99 1.61
N ILE A 5 7.83 8.69 1.59
CA ILE A 5 6.54 8.16 1.17
C ILE A 5 6.33 6.82 1.80
N ASN A 6 6.09 6.84 3.08
CA ASN A 6 5.93 5.64 3.86
C ASN A 6 4.50 5.10 3.80
N CYS A 7 4.42 3.78 3.64
CA CYS A 7 3.14 3.08 3.53
C CYS A 7 2.23 3.28 4.72
N GLU A 8 0.95 3.04 4.49
CA GLU A 8 -0.07 3.12 5.52
C GLU A 8 -0.27 1.71 6.06
N ARG A 9 -1.00 1.57 7.17
CA ARG A 9 -1.23 0.23 7.70
C ARG A 9 -2.70 -0.07 7.85
N TYR A 10 -3.06 -1.21 7.29
CA TYR A 10 -4.42 -1.72 7.29
C TYR A 10 -4.65 -2.62 8.49
N ASN A 11 -3.61 -3.34 8.85
CA ASN A 11 -3.63 -4.27 9.97
C ASN A 11 -2.24 -4.49 10.54
N GLY A 12 -1.42 -5.25 9.82
CA GLY A 12 -0.07 -5.53 10.27
C GLY A 12 0.88 -5.85 9.12
N GLN A 13 0.55 -5.37 7.93
CA GLN A 13 1.39 -5.61 6.75
C GLN A 13 1.56 -4.33 5.95
N VAL A 14 1.21 -3.20 6.55
CA VAL A 14 1.32 -1.90 5.92
C VAL A 14 0.82 -1.91 4.46
N CYS A 15 -0.37 -1.33 4.25
CA CYS A 15 -0.96 -1.24 2.92
C CYS A 15 -1.67 -2.52 2.48
N GLY A 16 -2.30 -3.20 3.41
CA GLY A 16 -3.00 -4.42 3.07
C GLY A 16 -2.15 -5.38 2.25
N GLY A 17 -0.92 -5.62 2.72
CA GLY A 17 -0.01 -6.53 2.04
C GLY A 17 0.32 -6.10 0.64
N PRO A 18 1.52 -6.44 0.13
CA PRO A 18 1.95 -6.08 -1.23
C PRO A 18 1.15 -6.81 -2.29
N GLY A 19 0.68 -8.02 -1.96
CA GLY A 19 -0.11 -8.80 -2.89
C GLY A 19 -1.22 -7.98 -3.51
N ARG A 20 -1.83 -7.12 -2.70
CA ARG A 20 -2.91 -6.26 -3.17
C ARG A 20 -2.36 -4.88 -3.52
N GLY A 21 -1.52 -4.36 -2.64
CA GLY A 21 -0.92 -3.05 -2.85
C GLY A 21 0.37 -2.89 -2.10
N LEU A 22 1.34 -2.22 -2.71
CA LEU A 22 2.64 -2.01 -2.10
C LEU A 22 3.28 -0.70 -2.57
N CYS A 23 3.79 0.07 -1.62
CA CYS A 23 4.43 1.35 -1.92
C CYS A 23 5.93 1.21 -1.97
N PHE A 24 6.58 2.12 -2.69
CA PHE A 24 8.04 2.06 -2.77
C PHE A 24 8.65 3.42 -3.09
N CYS A 25 8.92 3.66 -4.36
CA CYS A 25 9.51 4.90 -4.79
C CYS A 25 8.43 5.89 -5.18
N GLY A 26 7.75 6.41 -4.17
CA GLY A 26 6.69 7.36 -4.41
C GLY A 26 5.44 7.05 -3.62
N LYS A 27 4.79 5.94 -3.93
CA LYS A 27 3.56 5.58 -3.24
C LYS A 27 3.26 4.09 -3.27
N CYS A 28 2.08 3.75 -2.75
CA CYS A 28 1.59 2.37 -2.72
C CYS A 28 0.91 2.01 -4.03
N ARG A 29 1.57 1.18 -4.80
CA ARG A 29 1.04 0.74 -6.08
C ARG A 29 0.09 -0.43 -5.87
N CYS A 30 -1.18 -0.10 -5.69
CA CYS A 30 -2.21 -1.11 -5.47
C CYS A 30 -2.85 -1.53 -6.78
N HIS A 31 -3.00 -2.82 -6.96
CA HIS A 31 -3.60 -3.37 -8.17
C HIS A 31 -5.07 -2.99 -8.28
N PRO A 32 -5.64 -3.05 -9.50
CA PRO A 32 -7.04 -2.71 -9.73
C PRO A 32 -8.00 -3.58 -8.94
N GLY A 33 -8.75 -2.93 -8.08
CA GLY A 33 -9.72 -3.61 -7.27
C GLY A 33 -9.30 -3.72 -5.82
N PHE A 34 -8.85 -2.60 -5.25
CA PHE A 34 -8.41 -2.59 -3.86
C PHE A 34 -8.73 -1.26 -3.20
N GLU A 35 -8.99 -1.30 -1.89
CA GLU A 35 -9.31 -0.08 -1.14
C GLU A 35 -8.93 -0.26 0.33
N GLY A 36 -9.81 -0.89 1.11
CA GLY A 36 -9.54 -1.11 2.53
C GLY A 36 -9.05 0.15 3.22
N SER A 37 -8.34 -0.02 4.34
CA SER A 37 -7.77 1.12 5.05
C SER A 37 -6.57 1.62 4.27
N ALA A 38 -6.14 0.79 3.33
CA ALA A 38 -5.02 1.08 2.46
C ALA A 38 -5.37 0.66 1.04
N CYS A 39 -5.18 -0.63 0.78
CA CYS A 39 -5.49 -1.20 -0.51
C CYS A 39 -5.75 -2.70 -0.39
N GLN A 40 -6.50 -3.10 0.63
CA GLN A 40 -6.79 -4.51 0.87
C GLN A 40 -8.15 -4.93 0.32
N ALA A 41 -9.11 -4.02 0.34
CA ALA A 41 -10.46 -4.33 -0.12
C ALA A 41 -10.65 -3.93 -1.57
N GLU A 1 13.49 10.51 -5.46
CA GLU A 1 14.56 9.50 -5.27
C GLU A 1 14.23 8.55 -4.12
N CYS A 2 12.94 8.35 -3.88
CA CYS A 2 12.48 7.47 -2.80
C CYS A 2 12.96 8.01 -1.45
N ASP A 3 12.00 8.29 -0.58
CA ASP A 3 12.31 8.84 0.75
C ASP A 3 11.28 8.38 1.79
N THR A 4 10.82 9.31 2.62
CA THR A 4 9.83 9.01 3.65
C THR A 4 8.45 9.08 3.03
N ILE A 5 7.87 7.91 2.86
CA ILE A 5 6.55 7.78 2.27
C ILE A 5 5.92 6.49 2.73
N ASN A 6 5.65 6.45 4.01
CA ASN A 6 5.09 5.28 4.63
C ASN A 6 3.58 5.26 4.49
N CYS A 7 3.14 4.73 3.35
CA CYS A 7 1.73 4.63 2.99
C CYS A 7 0.86 4.15 4.15
N GLU A 8 -0.45 4.17 3.94
CA GLU A 8 -1.42 3.73 4.93
C GLU A 8 -1.35 2.22 5.11
N ARG A 9 -1.29 1.77 6.36
CA ARG A 9 -1.22 0.34 6.63
C ARG A 9 -2.56 -0.22 7.03
N TYR A 10 -2.90 -1.33 6.40
CA TYR A 10 -4.17 -2.00 6.69
C TYR A 10 -4.06 -2.92 7.90
N ASN A 11 -2.88 -3.46 8.08
CA ASN A 11 -2.60 -4.35 9.20
C ASN A 11 -1.10 -4.36 9.51
N GLY A 12 -0.36 -5.20 8.80
CA GLY A 12 1.08 -5.29 8.98
C GLY A 12 1.82 -4.67 7.82
N GLN A 13 1.12 -4.49 6.70
CA GLN A 13 1.69 -3.89 5.51
C GLN A 13 1.11 -2.49 5.33
N VAL A 14 1.82 -1.63 4.62
CA VAL A 14 1.37 -0.26 4.45
C VAL A 14 0.54 -0.08 3.20
N CYS A 15 -0.16 -1.12 2.78
CA CYS A 15 -1.00 -1.04 1.60
C CYS A 15 -1.94 -2.22 1.50
N GLY A 16 -2.65 -2.52 2.56
CA GLY A 16 -3.54 -3.66 2.49
C GLY A 16 -2.79 -4.94 2.12
N GLY A 17 -1.47 -4.90 2.29
CA GLY A 17 -0.63 -6.05 1.97
C GLY A 17 -0.14 -6.04 0.54
N PRO A 18 1.08 -6.53 0.27
CA PRO A 18 1.66 -6.55 -1.09
C PRO A 18 0.79 -7.32 -2.08
N GLY A 19 0.24 -8.45 -1.65
CA GLY A 19 -0.60 -9.25 -2.52
C GLY A 19 -1.61 -8.38 -3.25
N ARG A 20 -2.11 -7.36 -2.55
CA ARG A 20 -3.07 -6.45 -3.12
C ARG A 20 -2.44 -5.09 -3.41
N GLY A 21 -1.34 -4.78 -2.73
CA GLY A 21 -0.66 -3.51 -2.94
C GLY A 21 0.55 -3.32 -2.02
N LEU A 22 1.57 -2.62 -2.51
CA LEU A 22 2.78 -2.38 -1.72
C LEU A 22 3.32 -0.96 -1.88
N CYS A 23 3.85 -0.41 -0.80
CA CYS A 23 4.41 0.93 -0.81
C CYS A 23 5.92 0.87 -0.88
N PHE A 24 6.54 1.81 -1.60
CA PHE A 24 8.00 1.78 -1.68
C PHE A 24 8.60 3.13 -2.02
N CYS A 25 9.14 3.27 -3.22
CA CYS A 25 9.79 4.49 -3.64
C CYS A 25 8.79 5.61 -3.90
N GLY A 26 8.16 6.09 -2.82
CA GLY A 26 7.23 7.19 -2.94
C GLY A 26 5.79 6.85 -2.61
N LYS A 27 5.31 5.67 -2.98
CA LYS A 27 3.91 5.34 -2.73
C LYS A 27 3.61 3.85 -2.65
N CYS A 28 2.30 3.53 -2.71
CA CYS A 28 1.82 2.15 -2.68
C CYS A 28 1.90 1.56 -4.07
N ARG A 29 1.40 0.35 -4.22
CA ARG A 29 1.41 -0.35 -5.50
C ARG A 29 0.28 -1.37 -5.50
N CYS A 30 -0.94 -0.86 -5.43
CA CYS A 30 -2.12 -1.70 -5.39
C CYS A 30 -2.63 -2.02 -6.79
N HIS A 31 -3.03 -3.26 -6.99
CA HIS A 31 -3.54 -3.71 -8.27
C HIS A 31 -5.00 -3.31 -8.44
N PRO A 32 -5.50 -3.34 -9.69
CA PRO A 32 -6.88 -2.97 -10.00
C PRO A 32 -7.89 -3.80 -9.23
N GLY A 33 -8.65 -3.10 -8.41
CA GLY A 33 -9.67 -3.75 -7.61
C GLY A 33 -9.30 -3.83 -6.14
N PHE A 34 -8.84 -2.72 -5.58
CA PHE A 34 -8.46 -2.67 -4.18
C PHE A 34 -8.77 -1.29 -3.58
N GLU A 35 -9.11 -1.28 -2.29
CA GLU A 35 -9.44 -0.03 -1.60
C GLU A 35 -9.11 -0.12 -0.11
N GLY A 36 -10.06 -0.60 0.68
CA GLY A 36 -9.84 -0.72 2.12
C GLY A 36 -9.33 0.57 2.73
N SER A 37 -8.63 0.46 3.85
CA SER A 37 -8.04 1.63 4.49
C SER A 37 -6.78 2.00 3.73
N ALA A 38 -6.29 1.00 3.01
CA ALA A 38 -5.12 1.14 2.17
C ALA A 38 -5.47 0.65 0.78
N CYS A 39 -5.38 -0.67 0.60
CA CYS A 39 -5.71 -1.28 -0.66
C CYS A 39 -6.10 -2.76 -0.47
N GLN A 40 -6.90 -3.02 0.56
CA GLN A 40 -7.31 -4.39 0.86
C GLN A 40 -8.75 -4.67 0.42
N ALA A 41 -9.59 -3.65 0.49
CA ALA A 41 -11.00 -3.81 0.13
C ALA A 41 -11.27 -3.32 -1.29
N GLU A 1 10.33 12.20 -6.10
CA GLU A 1 9.56 10.95 -6.33
C GLU A 1 9.92 9.89 -5.29
N CYS A 2 11.19 9.49 -5.27
CA CYS A 2 11.65 8.49 -4.31
C CYS A 2 12.36 9.16 -3.14
N ASP A 3 11.67 9.23 -2.01
CA ASP A 3 12.22 9.86 -0.81
C ASP A 3 11.48 9.35 0.44
N THR A 4 10.94 10.26 1.23
CA THR A 4 10.20 9.90 2.42
C THR A 4 8.75 9.58 2.06
N ILE A 5 8.50 8.33 1.71
CA ILE A 5 7.19 7.87 1.32
C ILE A 5 7.11 6.38 1.56
N ASN A 6 7.10 6.04 2.81
CA ASN A 6 7.08 4.66 3.23
C ASN A 6 5.66 4.10 3.26
N CYS A 7 5.58 2.78 3.08
CA CYS A 7 4.31 2.07 3.05
C CYS A 7 3.31 2.57 4.09
N GLU A 8 2.05 2.53 3.70
CA GLU A 8 0.95 2.94 4.59
C GLU A 8 0.51 1.73 5.40
N ARG A 9 -0.47 1.90 6.27
CA ARG A 9 -0.95 0.78 7.06
C ARG A 9 -2.45 0.76 7.16
N TYR A 10 -3.00 -0.38 6.83
CA TYR A 10 -4.43 -0.62 6.89
C TYR A 10 -4.79 -1.28 8.22
N ASN A 11 -5.79 -2.14 8.23
CA ASN A 11 -6.21 -2.80 9.47
C ASN A 11 -5.50 -4.13 9.68
N GLY A 12 -4.19 -4.09 10.00
CA GLY A 12 -3.47 -5.34 10.25
C GLY A 12 -2.04 -5.35 9.75
N GLN A 13 -1.70 -4.55 8.74
CA GLN A 13 -0.35 -4.52 8.20
C GLN A 13 -0.07 -3.19 7.54
N VAL A 14 0.88 -3.18 6.60
CA VAL A 14 1.23 -1.98 5.88
C VAL A 14 0.72 -2.07 4.45
N CYS A 15 -0.22 -1.19 4.10
CA CYS A 15 -0.80 -1.16 2.77
C CYS A 15 -1.66 -2.38 2.50
N GLY A 16 -2.54 -2.72 3.42
CA GLY A 16 -3.37 -3.89 3.22
C GLY A 16 -2.54 -5.11 2.93
N GLY A 17 -1.32 -5.13 3.48
CA GLY A 17 -0.41 -6.24 3.29
C GLY A 17 0.10 -6.33 1.86
N PRO A 18 1.32 -6.85 1.64
CA PRO A 18 1.91 -6.98 0.31
C PRO A 18 1.06 -7.83 -0.63
N GLY A 19 0.36 -8.82 -0.06
CA GLY A 19 -0.48 -9.68 -0.87
C GLY A 19 -1.47 -8.91 -1.73
N ARG A 20 -1.75 -7.67 -1.33
CA ARG A 20 -2.68 -6.82 -2.07
C ARG A 20 -1.94 -5.71 -2.80
N GLY A 21 -0.85 -5.22 -2.21
CA GLY A 21 -0.09 -4.17 -2.84
C GLY A 21 1.16 -3.80 -2.06
N LEU A 22 2.09 -3.13 -2.72
CA LEU A 22 3.34 -2.70 -2.09
C LEU A 22 3.54 -1.20 -2.29
N CYS A 23 4.68 -0.69 -1.84
CA CYS A 23 4.98 0.73 -1.97
C CYS A 23 6.42 0.95 -2.40
N PHE A 24 6.65 2.03 -3.16
CA PHE A 24 8.02 2.31 -3.60
C PHE A 24 8.19 3.77 -3.93
N CYS A 25 9.33 4.07 -4.55
CA CYS A 25 9.69 5.41 -4.98
C CYS A 25 8.45 6.27 -5.20
N GLY A 26 7.96 6.89 -4.14
CA GLY A 26 6.79 7.71 -4.25
C GLY A 26 5.64 7.26 -3.38
N LYS A 27 5.04 6.10 -3.68
CA LYS A 27 3.90 5.62 -2.91
C LYS A 27 3.67 4.11 -2.98
N CYS A 28 2.46 3.72 -2.57
CA CYS A 28 2.04 2.33 -2.58
C CYS A 28 1.51 1.96 -3.98
N ARG A 29 1.29 0.67 -4.20
CA ARG A 29 0.80 0.20 -5.48
C ARG A 29 -0.12 -1.00 -5.27
N CYS A 30 -1.42 -0.71 -5.21
CA CYS A 30 -2.41 -1.75 -4.98
C CYS A 30 -2.84 -2.43 -6.28
N HIS A 31 -3.36 -3.66 -6.17
CA HIS A 31 -3.83 -4.40 -7.32
C HIS A 31 -5.20 -3.90 -7.76
N PRO A 32 -5.58 -4.15 -9.02
CA PRO A 32 -6.87 -3.72 -9.57
C PRO A 32 -8.04 -4.39 -8.88
N GLY A 33 -8.82 -3.59 -8.17
CA GLY A 33 -9.98 -4.08 -7.49
C GLY A 33 -9.98 -3.76 -6.00
N PHE A 34 -8.79 -3.56 -5.46
CA PHE A 34 -8.64 -3.23 -4.03
C PHE A 34 -8.80 -1.74 -3.80
N GLU A 35 -9.00 -1.35 -2.54
CA GLU A 35 -9.15 0.05 -2.19
C GLU A 35 -8.77 0.30 -0.73
N GLY A 36 -9.74 0.20 0.18
CA GLY A 36 -9.46 0.43 1.59
C GLY A 36 -8.69 1.71 1.82
N SER A 37 -7.92 1.75 2.91
CA SER A 37 -7.09 2.91 3.21
C SER A 37 -5.73 2.70 2.54
N ALA A 38 -5.62 1.56 1.86
CA ALA A 38 -4.41 1.18 1.16
C ALA A 38 -4.75 0.22 0.04
N CYS A 39 -4.95 -1.04 0.40
CA CYS A 39 -5.29 -2.05 -0.57
C CYS A 39 -6.04 -3.22 0.06
N GLN A 40 -6.89 -2.94 1.04
CA GLN A 40 -7.64 -4.00 1.72
C GLN A 40 -9.00 -4.27 1.09
N ALA A 41 -9.65 -3.23 0.59
CA ALA A 41 -10.98 -3.38 -0.02
C ALA A 41 -10.88 -3.66 -1.52
N GLU A 1 16.68 7.81 -3.28
CA GLU A 1 16.17 9.19 -3.51
C GLU A 1 14.70 9.31 -3.09
N CYS A 2 13.98 8.19 -3.17
CA CYS A 2 12.57 8.17 -2.79
C CYS A 2 12.36 7.39 -1.49
N ASP A 3 12.44 6.07 -1.58
CA ASP A 3 12.28 5.22 -0.40
C ASP A 3 10.82 5.16 0.05
N THR A 4 10.60 4.57 1.22
CA THR A 4 9.26 4.47 1.79
C THR A 4 8.96 5.76 2.54
N ILE A 5 8.65 6.79 1.78
CA ILE A 5 8.38 8.10 2.30
C ILE A 5 6.89 8.35 2.42
N ASN A 6 6.14 7.56 1.69
CA ASN A 6 4.70 7.67 1.68
C ASN A 6 4.04 6.29 1.61
N CYS A 7 3.70 5.74 2.76
CA CYS A 7 3.06 4.44 2.82
C CYS A 7 1.86 4.45 3.75
N GLU A 8 0.77 3.86 3.30
CA GLU A 8 -0.45 3.78 4.10
C GLU A 8 -0.49 2.44 4.81
N ARG A 9 -1.19 2.38 5.94
CA ARG A 9 -1.28 1.13 6.68
C ARG A 9 -2.73 0.79 7.01
N TYR A 10 -3.10 -0.43 6.69
CA TYR A 10 -4.45 -0.92 6.90
C TYR A 10 -4.60 -1.70 8.20
N ASN A 11 -3.55 -2.38 8.58
CA ASN A 11 -3.57 -3.18 9.80
C ASN A 11 -2.16 -3.40 10.38
N GLY A 12 -1.36 -2.35 10.41
CA GLY A 12 -0.01 -2.46 10.94
C GLY A 12 1.00 -2.93 9.91
N GLN A 13 0.52 -3.43 8.78
CA GLN A 13 1.41 -3.90 7.72
C GLN A 13 1.84 -2.73 6.85
N VAL A 14 0.94 -2.31 5.96
CA VAL A 14 1.16 -1.19 5.06
C VAL A 14 0.47 -1.43 3.73
N CYS A 15 -0.59 -0.69 3.49
CA CYS A 15 -1.34 -0.76 2.25
C CYS A 15 -2.08 -2.09 2.07
N GLY A 16 -2.70 -2.59 3.13
CA GLY A 16 -3.41 -3.85 3.01
C GLY A 16 -2.47 -4.98 2.65
N GLY A 17 -1.25 -4.91 3.17
CA GLY A 17 -0.26 -5.94 2.92
C GLY A 17 0.31 -5.88 1.51
N PRO A 18 1.45 -6.54 1.26
CA PRO A 18 2.08 -6.55 -0.06
C PRO A 18 1.31 -7.37 -1.08
N GLY A 19 0.83 -8.54 -0.65
CA GLY A 19 0.08 -9.41 -1.55
C GLY A 19 -0.99 -8.67 -2.33
N ARG A 20 -1.49 -7.58 -1.76
CA ARG A 20 -2.53 -6.79 -2.40
C ARG A 20 -1.95 -5.47 -2.92
N GLY A 21 -1.22 -4.76 -2.08
CA GLY A 21 -0.64 -3.50 -2.49
C GLY A 21 0.58 -3.11 -1.68
N LEU A 22 1.63 -2.72 -2.37
CA LEU A 22 2.87 -2.32 -1.74
C LEU A 22 2.98 -0.81 -1.56
N CYS A 23 3.99 -0.40 -0.82
CA CYS A 23 4.27 1.01 -0.60
C CYS A 23 5.57 1.34 -1.31
N PHE A 24 5.61 2.41 -2.09
CA PHE A 24 6.83 2.71 -2.83
C PHE A 24 7.23 4.16 -2.78
N CYS A 25 8.26 4.47 -3.56
CA CYS A 25 8.81 5.79 -3.70
C CYS A 25 7.74 6.88 -3.52
N GLY A 26 7.63 7.38 -2.29
CA GLY A 26 6.64 8.40 -2.00
C GLY A 26 5.22 8.01 -2.34
N LYS A 27 4.99 6.77 -2.78
CA LYS A 27 3.63 6.33 -3.13
C LYS A 27 3.46 4.83 -3.04
N CYS A 28 2.21 4.41 -2.79
CA CYS A 28 1.87 3.00 -2.69
C CYS A 28 1.61 2.43 -4.09
N ARG A 29 1.38 1.14 -4.18
CA ARG A 29 1.12 0.49 -5.46
C ARG A 29 0.18 -0.71 -5.30
N CYS A 30 -1.12 -0.44 -5.34
CA CYS A 30 -2.12 -1.50 -5.21
C CYS A 30 -2.39 -2.15 -6.57
N HIS A 31 -2.83 -3.41 -6.54
CA HIS A 31 -3.17 -4.13 -7.75
C HIS A 31 -4.54 -3.67 -8.25
N PRO A 32 -4.79 -3.78 -9.57
CA PRO A 32 -6.06 -3.37 -10.16
C PRO A 32 -7.24 -4.16 -9.64
N GLY A 33 -8.09 -3.49 -8.90
CA GLY A 33 -9.26 -4.11 -8.35
C GLY A 33 -9.25 -4.19 -6.83
N PHE A 34 -8.62 -3.22 -6.18
CA PHE A 34 -8.56 -3.21 -4.72
C PHE A 34 -8.95 -1.84 -4.17
N GLU A 35 -9.35 -1.82 -2.90
CA GLU A 35 -9.75 -0.57 -2.24
C GLU A 35 -9.41 -0.60 -0.76
N GLY A 36 -10.33 -1.12 0.07
CA GLY A 36 -10.10 -1.18 1.49
C GLY A 36 -9.59 0.13 2.05
N SER A 37 -8.87 0.07 3.17
CA SER A 37 -8.29 1.28 3.75
C SER A 37 -7.03 1.61 2.97
N ALA A 38 -6.65 0.68 2.09
CA ALA A 38 -5.47 0.81 1.26
C ALA A 38 -5.62 -0.03 0.01
N CYS A 39 -5.48 -1.33 0.18
CA CYS A 39 -5.59 -2.26 -0.92
C CYS A 39 -5.98 -3.65 -0.43
N GLN A 40 -6.78 -3.72 0.61
CA GLN A 40 -7.20 -5.00 1.18
C GLN A 40 -8.58 -5.41 0.67
N ALA A 41 -9.42 -4.43 0.36
CA ALA A 41 -10.77 -4.70 -0.13
C ALA A 41 -10.86 -4.48 -1.63
#